data_3PUO
#
_entry.id   3PUO
#
_cell.length_a   81.340
_cell.length_b   81.840
_cell.length_c   81.780
_cell.angle_alpha   90.00
_cell.angle_beta   90.00
_cell.angle_gamma   90.00
#
_symmetry.space_group_name_H-M   'P 21 21 21'
#
loop_
_entity.id
_entity.type
_entity.pdbx_description
1 polymer 'Dihydrodipicolinate synthase'
2 non-polymer LYSINE
3 non-polymer GLYCEROL
4 water water
#
_entity_poly.entity_id   1
_entity_poly.type   'polypeptide(L)'
_entity_poly.pdbx_seq_one_letter_code
;MIAGSMVALVTPFDAQGRLDWDSLAKLVDFHLQDGTNAIVAVGTTGESATLDVEEHIQVVRRVVDQVKGRIPVIAGTGAN
STREAVALTEAAKSGGADACLLVTPYYNKPTQEGMYQHFRHIAEAVAIPQILYNVPGRTSCDMLPETVERLSKVPNIIGI
KEATGDLQRAKEVIERVGKDFLVYSGDDATAVELMLLGGKGNISVTANVAPRAMSDLCAAAMRGDAAAARAINDRLMPLH
KALFIESNPIPVKWALHEMGLIPEGIRLPLTWLSPHCHDPLRQAMRQTGVLA
;
_entity_poly.pdbx_strand_id   A,B
#
# COMPACT_ATOMS: atom_id res chain seq x y z
N MET A 1 -16.63 -11.61 22.64
CA MET A 1 -16.19 -10.72 23.76
C MET A 1 -14.79 -10.12 23.47
N ILE A 2 -14.77 -9.12 22.58
CA ILE A 2 -13.54 -8.54 22.01
C ILE A 2 -13.05 -7.23 22.65
N ALA A 3 -12.06 -7.35 23.54
CA ALA A 3 -11.45 -6.20 24.20
C ALA A 3 -10.26 -6.66 25.05
N GLY A 4 -9.44 -5.71 25.50
CA GLY A 4 -8.27 -6.03 26.31
C GLY A 4 -6.98 -6.15 25.50
N SER A 5 -6.10 -7.02 25.97
CA SER A 5 -4.81 -7.26 25.34
C SER A 5 -5.00 -8.20 24.16
N MET A 6 -4.71 -7.74 22.95
CA MET A 6 -4.96 -8.55 21.73
C MET A 6 -3.69 -8.69 20.90
N VAL A 7 -2.98 -9.80 21.08
CA VAL A 7 -1.69 -9.99 20.45
C VAL A 7 -1.83 -9.89 18.95
N ALA A 8 -0.96 -9.12 18.33
CA ALA A 8 -0.98 -9.01 16.88
C ALA A 8 -0.09 -10.17 16.44
N LEU A 9 -0.65 -11.36 16.49
CA LEU A 9 0.09 -12.58 16.20
C LEU A 9 0.90 -12.66 14.91
N VAL A 10 2.16 -13.05 15.10
CA VAL A 10 3.12 -13.25 14.02
C VAL A 10 2.76 -14.56 13.33
N THR A 11 3.09 -14.65 12.03
CA THR A 11 2.98 -15.91 11.29
C THR A 11 4.39 -16.56 11.13
N PRO A 12 4.64 -17.66 11.86
CA PRO A 12 5.96 -18.27 11.73
C PRO A 12 6.16 -19.07 10.44
N PHE A 13 7.38 -18.97 9.91
CA PHE A 13 7.79 -19.67 8.70
C PHE A 13 9.11 -20.39 9.03
N ASP A 14 9.35 -21.52 8.38
CA ASP A 14 10.63 -22.18 8.56
C ASP A 14 11.72 -21.51 7.70
N ALA A 15 12.97 -21.93 7.91
CA ALA A 15 14.12 -21.43 7.15
C ALA A 15 13.87 -21.25 5.64
N GLN A 16 13.13 -22.17 5.01
CA GLN A 16 12.84 -22.03 3.60
C GLN A 16 11.54 -21.23 3.34
N GLY A 17 10.84 -20.80 4.41
CA GLY A 17 9.69 -19.94 4.22
C GLY A 17 8.31 -20.58 4.25
N ARG A 18 8.25 -21.90 4.24
CA ARG A 18 6.96 -22.60 4.27
C ARG A 18 6.35 -22.39 5.65
N LEU A 19 5.03 -22.28 5.73
CA LEU A 19 4.40 -22.06 7.02
C LEU A 19 4.75 -23.17 8.01
N ASP A 20 5.27 -22.79 9.20
CA ASP A 20 5.66 -23.74 10.24
C ASP A 20 4.53 -23.86 11.24
N TRP A 21 3.73 -24.89 11.03
CA TRP A 21 2.54 -25.13 11.82
C TRP A 21 2.80 -25.45 13.27
N ASP A 22 4.00 -25.96 13.55
CA ASP A 22 4.38 -26.30 14.92
C ASP A 22 4.53 -25.06 15.79
N SER A 23 5.21 -24.06 15.28
CA SER A 23 5.38 -22.82 16.04
C SER A 23 4.06 -22.09 16.33
N LEU A 24 3.15 -22.12 15.34
CA LEU A 24 1.86 -21.47 15.47
C LEU A 24 1.07 -22.04 16.62
N ALA A 25 1.02 -23.38 16.70
CA ALA A 25 0.30 -24.08 17.79
C ALA A 25 0.85 -23.64 19.12
N LYS A 26 2.16 -23.76 19.30
CA LYS A 26 2.81 -23.34 20.55
C LYS A 26 2.53 -21.89 20.92
N LEU A 27 2.55 -21.01 19.92
CA LEU A 27 2.31 -19.58 20.15
C LEU A 27 0.89 -19.38 20.60
N VAL A 28 -0.03 -20.17 20.04
CA VAL A 28 -1.42 -20.05 20.44
C VAL A 28 -1.58 -20.54 21.87
N ASP A 29 -0.90 -21.64 22.22
CA ASP A 29 -0.95 -22.15 23.59
C ASP A 29 -0.32 -21.09 24.51
N PHE A 30 0.77 -20.51 24.05
CA PHE A 30 1.48 -19.46 24.79
C PHE A 30 0.57 -18.29 25.21
N HIS A 31 -0.20 -17.73 24.27
CA HIS A 31 -1.08 -16.61 24.56
C HIS A 31 -2.33 -17.11 25.29
N LEU A 32 -2.71 -18.34 24.95
CA LEU A 32 -3.89 -18.97 25.53
C LEU A 32 -3.66 -19.11 27.05
N GLN A 33 -2.40 -19.37 27.40
CA GLN A 33 -2.02 -19.68 28.76
C GLN A 33 -1.57 -18.48 29.57
N ASP A 34 -1.10 -17.42 28.93
CA ASP A 34 -0.61 -16.25 29.69
C ASP A 34 -1.51 -15.01 29.79
N GLY A 35 -2.82 -15.19 29.68
CA GLY A 35 -3.73 -14.06 29.82
C GLY A 35 -4.25 -13.33 28.58
N THR A 36 -3.65 -13.53 27.40
CA THR A 36 -4.13 -12.84 26.21
C THR A 36 -5.64 -13.00 26.08
N ASN A 37 -6.31 -11.90 25.75
CA ASN A 37 -7.77 -11.85 25.62
C ASN A 37 -8.20 -12.22 24.25
N ALA A 38 -7.48 -11.72 23.24
CA ALA A 38 -7.78 -12.03 21.84
C ALA A 38 -6.50 -12.18 21.03
N ILE A 39 -6.65 -12.74 19.83
CA ILE A 39 -5.55 -12.96 18.92
C ILE A 39 -5.94 -12.44 17.55
N VAL A 40 -5.08 -11.62 16.97
CA VAL A 40 -5.30 -11.12 15.63
C VAL A 40 -4.39 -11.88 14.69
N ALA A 41 -4.97 -12.84 14.00
CA ALA A 41 -4.17 -13.64 13.08
C ALA A 41 -4.18 -13.01 11.70
N VAL A 42 -3.05 -13.09 11.00
CA VAL A 42 -2.96 -12.58 9.62
C VAL A 42 -3.13 -11.06 9.50
N GLY A 43 -2.47 -10.31 10.39
CA GLY A 43 -2.53 -8.85 10.36
C GLY A 43 -1.26 -8.29 9.77
N THR A 44 -0.98 -7.01 10.03
CA THR A 44 0.25 -6.35 9.60
C THR A 44 1.46 -7.09 10.13
N THR A 45 1.41 -7.47 11.40
CA THR A 45 2.51 -8.17 12.05
C THR A 45 2.60 -9.63 11.58
N GLY A 46 1.45 -10.25 11.35
CA GLY A 46 1.44 -11.60 10.82
C GLY A 46 1.75 -11.65 9.33
N GLU A 47 2.27 -10.55 8.78
CA GLU A 47 2.63 -10.50 7.33
C GLU A 47 1.56 -10.80 6.28
N SER A 48 0.47 -10.07 6.33
CA SER A 48 -0.65 -10.26 5.46
C SER A 48 -0.29 -10.02 4.01
N ALA A 49 0.63 -9.11 3.78
CA ALA A 49 1.06 -8.78 2.43
C ALA A 49 1.59 -9.98 1.66
N THR A 50 2.41 -10.81 2.30
CA THR A 50 3.05 -11.94 1.61
C THR A 50 2.43 -13.33 1.85
N LEU A 51 1.13 -13.41 2.08
CA LEU A 51 0.51 -14.73 2.22
C LEU A 51 -0.42 -15.07 1.06
N ASP A 52 -0.37 -16.31 0.58
CA ASP A 52 -1.30 -16.78 -0.46
C ASP A 52 -2.68 -16.51 0.04
N VAL A 53 -3.65 -16.45 -0.86
CA VAL A 53 -5.04 -16.33 -0.45
C VAL A 53 -5.38 -17.64 0.30
N GLU A 54 -4.71 -18.72 -0.12
CA GLU A 54 -4.83 -20.06 0.46
C GLU A 54 -4.16 -20.14 1.85
N GLU A 55 -2.97 -19.57 1.97
CA GLU A 55 -2.27 -19.49 3.27
C GLU A 55 -3.05 -18.66 4.29
N HIS A 56 -3.67 -17.59 3.81
CA HIS A 56 -4.42 -16.67 4.64
C HIS A 56 -5.46 -17.38 5.51
N ILE A 57 -6.45 -18.02 4.88
CA ILE A 57 -7.48 -18.75 5.60
C ILE A 57 -7.02 -20.02 6.29
N GLN A 58 -5.88 -20.60 5.90
CA GLN A 58 -5.42 -21.79 6.62
C GLN A 58 -4.89 -21.44 7.99
N VAL A 59 -4.31 -20.24 8.10
CA VAL A 59 -3.81 -19.74 9.37
C VAL A 59 -4.98 -19.32 10.25
N VAL A 60 -5.99 -18.74 9.62
CA VAL A 60 -7.21 -18.34 10.33
C VAL A 60 -7.96 -19.57 10.79
N ARG A 61 -7.99 -20.59 9.93
CA ARG A 61 -8.64 -21.85 10.27
C ARG A 61 -7.94 -22.60 11.39
N ARG A 62 -6.62 -22.64 11.38
CA ARG A 62 -5.92 -23.44 12.39
C ARG A 62 -5.95 -22.83 13.79
N VAL A 63 -5.93 -21.51 13.88
CA VAL A 63 -5.98 -20.85 15.17
C VAL A 63 -7.37 -21.03 15.73
N VAL A 64 -8.38 -20.72 14.92
CA VAL A 64 -9.78 -20.85 15.33
C VAL A 64 -10.04 -22.22 15.88
N ASP A 65 -9.57 -23.24 15.18
CA ASP A 65 -9.77 -24.63 15.60
C ASP A 65 -9.11 -24.95 16.94
N GLN A 66 -7.93 -24.36 17.17
CA GLN A 66 -7.19 -24.61 18.38
C GLN A 66 -7.85 -23.88 19.55
N VAL A 67 -8.04 -22.56 19.40
CA VAL A 67 -8.65 -21.71 20.44
C VAL A 67 -10.01 -22.28 20.84
N LYS A 68 -10.76 -22.76 19.87
CA LYS A 68 -12.04 -23.41 20.13
C LYS A 68 -13.08 -22.59 20.90
N GLY A 69 -13.05 -21.28 20.77
CA GLY A 69 -14.06 -20.45 21.40
C GLY A 69 -13.60 -19.76 22.67
N ARG A 70 -12.48 -20.24 23.22
CA ARG A 70 -11.94 -19.71 24.46
C ARG A 70 -11.62 -18.20 24.41
N ILE A 71 -11.23 -17.74 23.22
CA ILE A 71 -10.86 -16.35 22.96
C ILE A 71 -11.38 -15.96 21.60
N PRO A 72 -11.61 -14.65 21.38
CA PRO A 72 -12.03 -14.27 20.02
C PRO A 72 -10.83 -14.36 19.08
N VAL A 73 -11.10 -14.59 17.80
CA VAL A 73 -10.02 -14.69 16.80
C VAL A 73 -10.35 -13.70 15.72
N ILE A 74 -9.55 -12.65 15.63
CA ILE A 74 -9.77 -11.61 14.63
C ILE A 74 -8.85 -11.83 13.45
N ALA A 75 -9.46 -11.93 12.28
CA ALA A 75 -8.76 -12.12 11.01
C ALA A 75 -8.49 -10.82 10.24
N GLY A 76 -7.23 -10.60 9.84
CA GLY A 76 -6.88 -9.45 8.99
C GLY A 76 -7.50 -9.65 7.61
N THR A 77 -8.32 -8.69 7.17
CA THR A 77 -8.97 -8.83 5.86
C THR A 77 -8.98 -7.59 4.97
N GLY A 78 -8.21 -6.58 5.33
CA GLY A 78 -8.22 -5.33 4.58
C GLY A 78 -7.50 -5.53 3.27
N ALA A 79 -7.80 -4.66 2.30
CA ALA A 79 -7.19 -4.73 0.98
C ALA A 79 -7.47 -3.40 0.35
N ASN A 80 -6.67 -2.99 -0.63
CA ASN A 80 -6.88 -1.67 -1.24
C ASN A 80 -7.91 -1.73 -2.38
N SER A 81 -8.57 -2.88 -2.51
CA SER A 81 -9.60 -3.10 -3.52
C SER A 81 -10.84 -3.63 -2.81
N THR A 82 -11.93 -2.88 -2.84
CA THR A 82 -13.16 -3.31 -2.19
C THR A 82 -13.53 -4.76 -2.45
N ARG A 83 -13.55 -5.16 -3.74
CA ARG A 83 -13.92 -6.55 -4.08
C ARG A 83 -13.02 -7.61 -3.41
N GLU A 84 -11.72 -7.30 -3.34
CA GLU A 84 -10.75 -8.16 -2.66
C GLU A 84 -10.86 -8.16 -1.13
N ALA A 85 -11.48 -7.12 -0.56
CA ALA A 85 -11.70 -7.07 0.88
C ALA A 85 -12.95 -7.90 1.19
N VAL A 86 -13.89 -7.89 0.27
CA VAL A 86 -15.10 -8.69 0.42
C VAL A 86 -14.70 -10.15 0.47
N ALA A 87 -14.01 -10.62 -0.56
CA ALA A 87 -13.50 -11.99 -0.66
C ALA A 87 -12.79 -12.48 0.59
N LEU A 88 -11.81 -11.71 1.04
CA LEU A 88 -11.03 -12.07 2.23
C LEU A 88 -11.92 -12.09 3.46
N THR A 89 -12.80 -11.11 3.58
CA THR A 89 -13.72 -11.04 4.72
C THR A 89 -14.71 -12.18 4.76
N GLU A 90 -15.29 -12.50 3.61
CA GLU A 90 -16.19 -13.64 3.50
C GLU A 90 -15.43 -14.92 3.81
N ALA A 91 -14.19 -15.02 3.32
CA ALA A 91 -13.32 -16.18 3.57
C ALA A 91 -12.86 -16.36 5.01
N ALA A 92 -12.90 -15.26 5.77
CA ALA A 92 -12.57 -15.29 7.20
C ALA A 92 -13.80 -15.81 8.00
N LYS A 93 -15.00 -15.40 7.58
CA LYS A 93 -16.20 -15.77 8.29
C LYS A 93 -16.39 -17.26 8.12
N SER A 94 -16.58 -17.67 6.87
CA SER A 94 -16.69 -19.08 6.52
C SER A 94 -15.26 -19.51 6.75
N GLY A 95 -14.90 -19.68 8.02
CA GLY A 95 -13.58 -20.10 8.45
C GLY A 95 -13.61 -20.19 9.97
N GLY A 96 -14.58 -19.48 10.56
CA GLY A 96 -14.75 -19.49 11.99
C GLY A 96 -14.38 -18.22 12.72
N ALA A 97 -13.56 -17.37 12.08
CA ALA A 97 -13.08 -16.13 12.70
C ALA A 97 -14.24 -15.41 13.43
N ASP A 98 -13.92 -14.76 14.55
CA ASP A 98 -14.92 -14.08 15.35
C ASP A 98 -15.18 -12.66 14.85
N ALA A 99 -14.23 -12.11 14.10
CA ALA A 99 -14.30 -10.75 13.58
C ALA A 99 -13.16 -10.47 12.63
N CYS A 100 -13.32 -9.43 11.81
CA CYS A 100 -12.35 -9.05 10.82
C CYS A 100 -11.79 -7.65 11.08
N LEU A 101 -10.48 -7.51 10.92
CA LEU A 101 -9.81 -6.22 11.07
C LEU A 101 -9.47 -5.76 9.65
N LEU A 102 -10.00 -4.60 9.23
CA LEU A 102 -9.76 -4.09 7.87
C LEU A 102 -9.08 -2.75 7.78
N VAL A 103 -7.80 -2.77 7.41
CA VAL A 103 -7.01 -1.56 7.23
C VAL A 103 -7.63 -0.69 6.13
N THR A 104 -7.45 0.63 6.20
CA THR A 104 -7.95 1.50 5.14
C THR A 104 -7.14 1.21 3.86
N PRO A 105 -7.70 1.53 2.68
CA PRO A 105 -6.94 1.31 1.44
C PRO A 105 -5.58 1.99 1.45
N TYR A 106 -4.61 1.23 0.92
CA TYR A 106 -3.20 1.57 0.92
C TYR A 106 -2.40 2.34 -0.12
N TYR A 107 -2.65 2.20 -1.42
CA TYR A 107 -1.62 2.72 -2.27
C TYR A 107 -2.28 3.75 -3.16
N ASN A 108 -3.60 3.48 -3.19
CA ASN A 108 -4.37 4.29 -4.14
C ASN A 108 -5.11 5.54 -3.57
N LYS A 109 -4.81 5.97 -2.36
CA LYS A 109 -5.40 7.17 -1.73
C LYS A 109 -6.86 7.57 -1.94
N PRO A 110 -7.80 6.70 -1.56
CA PRO A 110 -9.19 7.12 -1.75
C PRO A 110 -9.61 8.41 -1.03
N THR A 111 -10.73 8.96 -1.45
CA THR A 111 -11.28 10.16 -0.80
C THR A 111 -12.02 9.73 0.49
N GLN A 112 -12.24 10.64 1.43
CA GLN A 112 -13.03 10.31 2.65
C GLN A 112 -14.34 9.64 2.29
N GLU A 113 -15.05 10.22 1.33
CA GLU A 113 -16.30 9.63 0.83
C GLU A 113 -16.09 8.21 0.33
N GLY A 114 -15.00 7.97 -0.39
CA GLY A 114 -14.72 6.65 -0.91
C GLY A 114 -14.49 5.61 0.16
N MET A 115 -13.77 5.98 1.22
CA MET A 115 -13.51 5.07 2.33
C MET A 115 -14.83 4.75 3.04
N TYR A 116 -15.75 5.71 3.03
CA TYR A 116 -17.05 5.47 3.63
C TYR A 116 -17.76 4.35 2.89
N GLN A 117 -18.05 4.56 1.60
CA GLN A 117 -18.76 3.53 0.85
C GLN A 117 -17.90 2.28 0.58
N HIS A 118 -16.64 2.30 1.01
CA HIS A 118 -15.80 1.14 0.90
C HIS A 118 -16.09 0.19 2.03
N PHE A 119 -16.01 0.69 3.26
CA PHE A 119 -16.28 -0.12 4.46
C PHE A 119 -17.73 -0.39 4.65
N ARG A 120 -18.55 0.54 4.21
CA ARG A 120 -19.96 0.38 4.32
C ARG A 120 -20.43 -0.79 3.44
N HIS A 121 -19.75 -0.97 2.30
CA HIS A 121 -20.11 -2.03 1.36
C HIS A 121 -19.76 -3.39 1.96
N ILE A 122 -18.53 -3.49 2.46
CA ILE A 122 -18.06 -4.74 3.05
C ILE A 122 -18.94 -5.11 4.24
N ALA A 123 -19.27 -4.11 5.05
CA ALA A 123 -20.12 -4.29 6.23
C ALA A 123 -21.49 -4.80 5.83
N GLU A 124 -21.91 -4.45 4.63
CA GLU A 124 -23.20 -4.87 4.08
C GLU A 124 -23.08 -6.21 3.34
N ALA A 125 -21.94 -6.45 2.69
CA ALA A 125 -21.78 -7.65 1.90
C ALA A 125 -21.48 -8.91 2.72
N VAL A 126 -20.88 -8.73 3.89
CA VAL A 126 -20.55 -9.87 4.74
C VAL A 126 -21.12 -9.70 6.16
N ALA A 127 -21.86 -10.71 6.62
CA ALA A 127 -22.47 -10.74 7.93
C ALA A 127 -21.47 -11.13 9.01
N ILE A 128 -20.44 -10.32 9.18
CA ILE A 128 -19.38 -10.55 10.16
C ILE A 128 -18.97 -9.22 10.79
N PRO A 129 -18.70 -9.19 12.11
CA PRO A 129 -18.30 -7.92 12.69
C PRO A 129 -16.96 -7.45 12.12
N GLN A 130 -16.94 -6.21 11.63
CA GLN A 130 -15.74 -5.63 11.05
C GLN A 130 -15.19 -4.51 11.92
N ILE A 131 -13.87 -4.40 11.96
CA ILE A 131 -13.19 -3.37 12.75
C ILE A 131 -12.28 -2.49 11.89
N LEU A 132 -12.56 -1.20 11.85
CA LEU A 132 -11.76 -0.28 11.05
C LEU A 132 -10.32 -0.22 11.54
N TYR A 133 -9.41 0.18 10.66
CA TYR A 133 -7.97 0.24 10.98
C TYR A 133 -7.30 1.47 10.33
N ASN A 134 -6.82 2.40 11.15
CA ASN A 134 -6.18 3.60 10.61
C ASN A 134 -4.71 3.65 10.99
N VAL A 135 -3.84 3.72 9.98
CA VAL A 135 -2.38 3.81 10.19
C VAL A 135 -1.72 4.49 8.97
N PRO A 136 -1.94 5.80 8.83
CA PRO A 136 -1.45 6.60 7.69
C PRO A 136 0.06 6.42 7.43
N GLY A 137 0.82 6.12 8.50
CA GLY A 137 2.23 5.90 8.39
C GLY A 137 2.59 4.79 7.41
N ARG A 138 1.61 3.94 7.07
CA ARG A 138 1.85 2.82 6.16
C ARG A 138 1.03 2.90 4.86
N THR A 139 -0.14 3.41 5.21
CA THR A 139 -1.01 3.31 4.03
C THR A 139 -1.20 4.63 3.29
N SER A 140 -0.53 5.73 3.57
CA SER A 140 -0.53 7.06 2.93
C SER A 140 -1.92 7.67 2.69
N CYS A 141 -2.84 7.42 3.62
CA CYS A 141 -4.17 7.99 3.56
C CYS A 141 -4.60 8.02 5.02
N ASP A 142 -5.55 8.87 5.37
CA ASP A 142 -5.97 9.01 6.77
C ASP A 142 -7.47 9.17 6.92
N MET A 143 -8.09 8.28 7.68
CA MET A 143 -9.55 8.31 7.85
C MET A 143 -9.93 9.28 8.96
N LEU A 144 -10.32 10.49 8.56
CA LEU A 144 -10.66 11.55 9.50
C LEU A 144 -11.80 11.14 10.43
N PRO A 145 -11.84 11.76 11.63
CA PRO A 145 -12.86 11.49 12.66
C PRO A 145 -14.29 11.58 12.13
N GLU A 146 -14.58 12.54 11.25
CA GLU A 146 -15.93 12.64 10.67
C GLU A 146 -16.34 11.34 10.00
N THR A 147 -15.41 10.72 9.30
CA THR A 147 -15.72 9.51 8.55
C THR A 147 -15.84 8.30 9.45
N VAL A 148 -15.11 8.31 10.56
CA VAL A 148 -15.22 7.23 11.53
C VAL A 148 -16.61 7.22 12.11
N GLU A 149 -17.10 8.41 12.51
CA GLU A 149 -18.46 8.58 13.03
C GLU A 149 -19.57 8.09 12.06
N ARG A 150 -19.39 8.34 10.77
CA ARG A 150 -20.39 7.89 9.80
C ARG A 150 -20.45 6.36 9.77
N LEU A 151 -19.28 5.73 9.84
CA LEU A 151 -19.17 4.30 9.77
C LEU A 151 -19.61 3.63 11.06
N SER A 152 -19.48 4.35 12.17
CA SER A 152 -19.86 3.78 13.46
C SER A 152 -21.35 3.46 13.50
N LYS A 153 -22.11 4.23 12.73
CA LYS A 153 -23.56 4.07 12.67
C LYS A 153 -23.98 2.82 11.90
N VAL A 154 -23.07 2.34 11.05
CA VAL A 154 -23.30 1.12 10.27
C VAL A 154 -23.38 -0.08 11.23
N PRO A 155 -24.28 -1.03 10.93
CA PRO A 155 -24.59 -2.18 11.80
C PRO A 155 -23.49 -3.20 12.16
N ASN A 156 -22.63 -3.55 11.21
CA ASN A 156 -21.60 -4.55 11.53
C ASN A 156 -20.24 -3.97 11.96
N ILE A 157 -20.10 -2.66 11.87
CA ILE A 157 -18.86 -2.00 12.22
C ILE A 157 -18.85 -1.74 13.72
N ILE A 158 -18.15 -2.62 14.43
CA ILE A 158 -18.14 -2.61 15.90
C ILE A 158 -17.09 -1.70 16.55
N GLY A 159 -16.01 -1.42 15.83
CA GLY A 159 -14.99 -0.58 16.41
C GLY A 159 -13.92 -0.21 15.43
N ILE A 160 -12.90 0.51 15.92
CA ILE A 160 -11.78 0.94 15.10
C ILE A 160 -10.41 0.77 15.79
N LYS A 161 -9.38 0.48 15.01
CA LYS A 161 -8.03 0.39 15.55
C LYS A 161 -7.27 1.67 15.20
N GLU A 162 -7.07 2.55 16.17
CA GLU A 162 -6.42 3.83 15.91
C GLU A 162 -4.91 3.72 16.19
N ALA A 163 -4.13 3.81 15.12
CA ALA A 163 -2.69 3.57 15.19
C ALA A 163 -1.85 4.82 15.01
N THR A 164 -2.46 5.97 14.77
CA THR A 164 -1.66 7.18 14.62
C THR A 164 -0.78 7.44 15.84
N GLY A 165 -1.20 7.00 17.02
CA GLY A 165 -0.42 7.24 18.22
C GLY A 165 -0.65 8.66 18.73
N ASP A 166 -1.57 9.35 18.09
CA ASP A 166 -1.95 10.71 18.45
C ASP A 166 -3.13 10.59 19.43
N LEU A 167 -2.94 11.12 20.65
CA LEU A 167 -3.99 11.02 21.69
C LEU A 167 -5.12 12.05 21.60
N GLN A 168 -4.93 13.12 20.82
CA GLN A 168 -5.97 14.11 20.60
C GLN A 168 -6.92 13.54 19.56
N ARG A 169 -6.38 12.62 18.76
CA ARG A 169 -7.15 11.87 17.78
C ARG A 169 -8.11 10.85 18.39
N ALA A 170 -7.64 10.11 19.39
CA ALA A 170 -8.48 9.12 20.06
C ALA A 170 -9.60 9.81 20.82
N LYS A 171 -9.21 10.88 21.50
CA LYS A 171 -10.09 11.69 22.30
C LYS A 171 -11.25 12.12 21.42
N GLU A 172 -10.92 12.67 20.25
CA GLU A 172 -11.91 13.12 19.27
C GLU A 172 -12.79 12.02 18.75
N VAL A 173 -12.20 10.88 18.42
CA VAL A 173 -12.98 9.73 17.94
C VAL A 173 -13.91 9.20 19.02
N ILE A 174 -13.40 9.13 20.24
CA ILE A 174 -14.16 8.61 21.38
C ILE A 174 -15.35 9.49 21.75
N GLU A 175 -15.13 10.80 21.70
CA GLU A 175 -16.18 11.79 21.98
C GLU A 175 -17.21 12.02 20.84
N ARG A 176 -17.18 11.19 19.79
CA ARG A 176 -18.16 11.31 18.68
C ARG A 176 -18.93 10.01 18.37
N VAL A 177 -18.36 8.88 18.78
CA VAL A 177 -18.98 7.59 18.54
C VAL A 177 -19.69 7.07 19.79
N GLY A 178 -20.63 6.15 19.61
CA GLY A 178 -21.42 5.63 20.72
C GLY A 178 -20.67 4.87 21.83
N LYS A 179 -21.42 4.47 22.86
CA LYS A 179 -20.87 3.63 23.93
C LYS A 179 -20.68 2.22 23.39
N ASP A 180 -21.25 1.96 22.27
CA ASP A 180 -21.15 0.65 21.66
C ASP A 180 -19.82 0.56 20.92
N PHE A 181 -19.46 1.67 20.28
CA PHE A 181 -18.23 1.74 19.50
C PHE A 181 -16.94 1.61 20.30
N LEU A 182 -16.27 0.47 20.12
CA LEU A 182 -15.03 0.20 20.84
C LEU A 182 -13.82 0.74 20.09
N VAL A 183 -13.02 1.54 20.80
CA VAL A 183 -11.79 2.11 20.24
C VAL A 183 -10.60 1.33 20.78
N TYR A 184 -9.75 0.85 19.86
CA TYR A 184 -8.61 0.02 20.28
C TYR A 184 -7.36 0.79 19.98
N SER A 185 -6.27 0.44 20.63
CA SER A 185 -5.00 1.11 20.32
C SER A 185 -4.18 0.27 19.37
N GLY A 186 -3.46 0.94 18.46
CA GLY A 186 -2.54 0.28 17.53
C GLY A 186 -1.13 0.79 17.75
N ASP A 187 -0.97 1.58 18.80
CA ASP A 187 0.33 2.11 19.21
C ASP A 187 0.59 1.69 20.66
N ASP A 188 1.43 0.68 20.82
CA ASP A 188 1.79 0.12 22.11
C ASP A 188 2.23 1.17 23.09
N ALA A 189 3.20 1.99 22.68
CA ALA A 189 3.74 3.03 23.57
C ALA A 189 2.73 3.94 24.26
N THR A 190 1.60 4.23 23.60
CA THR A 190 0.63 5.15 24.18
C THR A 190 -0.73 4.52 24.41
N ALA A 191 -0.79 3.19 24.41
CA ALA A 191 -2.04 2.49 24.57
C ALA A 191 -2.71 2.75 25.93
N VAL A 192 -1.91 2.73 26.99
CA VAL A 192 -2.41 2.93 28.36
C VAL A 192 -3.28 4.18 28.42
N GLU A 193 -2.84 5.27 27.81
CA GLU A 193 -3.61 6.51 27.85
C GLU A 193 -4.90 6.39 27.04
N LEU A 194 -4.80 5.77 25.88
CA LEU A 194 -5.96 5.58 25.04
C LEU A 194 -7.03 4.86 25.83
N MET A 195 -6.63 3.86 26.59
CA MET A 195 -7.59 3.11 27.41
C MET A 195 -8.18 3.92 28.55
N LEU A 196 -7.33 4.68 29.24
CA LEU A 196 -7.77 5.61 30.28
C LEU A 196 -8.74 6.63 29.67
N LEU A 197 -8.52 7.00 28.42
CA LEU A 197 -9.46 7.89 27.71
C LEU A 197 -10.80 7.23 27.37
N GLY A 198 -10.93 5.94 27.63
CA GLY A 198 -12.15 5.23 27.28
C GLY A 198 -11.91 4.12 26.28
N GLY A 199 -10.65 3.92 25.91
CA GLY A 199 -10.28 2.88 24.97
C GLY A 199 -10.64 1.52 25.54
N LYS A 200 -10.92 0.57 24.66
CA LYS A 200 -11.33 -0.76 25.10
C LYS A 200 -10.34 -1.86 24.77
N GLY A 201 -9.08 -1.50 24.49
CA GLY A 201 -8.07 -2.51 24.21
C GLY A 201 -6.86 -2.00 23.44
N ASN A 202 -5.89 -2.90 23.27
CA ASN A 202 -4.69 -2.59 22.54
C ASN A 202 -4.27 -3.77 21.65
N ILE A 203 -4.38 -3.58 20.32
CA ILE A 203 -3.94 -4.58 19.33
C ILE A 203 -2.41 -4.41 19.32
N SER A 204 -1.72 -5.22 20.10
CA SER A 204 -0.30 -4.98 20.32
C SER A 204 0.70 -5.93 19.65
N VAL A 205 1.92 -5.40 19.51
CA VAL A 205 3.07 -6.12 18.97
C VAL A 205 3.89 -6.57 20.19
N THR A 206 3.89 -5.72 21.22
CA THR A 206 4.61 -6.00 22.44
C THR A 206 4.08 -7.22 23.17
N ALA A 207 2.77 -7.48 23.02
CA ALA A 207 2.14 -8.64 23.64
C ALA A 207 2.74 -9.95 23.12
N ASN A 208 3.26 -9.92 21.90
CA ASN A 208 3.89 -11.11 21.31
C ASN A 208 4.97 -11.77 22.19
N VAL A 209 5.71 -10.96 22.93
CA VAL A 209 6.78 -11.46 23.80
C VAL A 209 6.52 -11.29 25.30
N ALA A 210 5.56 -10.44 25.66
CA ALA A 210 5.19 -10.25 27.07
C ALA A 210 3.68 -10.24 27.23
N PRO A 211 3.02 -11.39 26.91
CA PRO A 211 1.55 -11.58 26.97
C PRO A 211 0.92 -11.36 28.34
N ARG A 212 1.47 -11.99 29.38
CA ARG A 212 0.94 -11.84 30.73
C ARG A 212 0.98 -10.39 31.17
N ALA A 213 2.10 -9.71 30.90
CA ALA A 213 2.28 -8.31 31.28
C ALA A 213 1.33 -7.35 30.55
N MET A 214 1.10 -7.60 29.26
CA MET A 214 0.21 -6.75 28.49
C MET A 214 -1.23 -6.83 28.94
N SER A 215 -1.67 -8.02 29.35
CA SER A 215 -3.05 -8.18 29.82
C SER A 215 -3.26 -7.55 31.18
N ASP A 216 -2.19 -7.50 31.97
CA ASP A 216 -2.24 -6.88 33.28
C ASP A 216 -2.42 -5.37 33.08
N LEU A 217 -1.62 -4.83 32.17
CA LEU A 217 -1.62 -3.41 31.85
C LEU A 217 -2.91 -2.93 31.16
N CYS A 218 -3.61 -3.82 30.47
CA CYS A 218 -4.82 -3.41 29.78
C CYS A 218 -5.91 -3.48 30.82
N ALA A 219 -5.82 -4.51 31.67
CA ALA A 219 -6.76 -4.69 32.76
C ALA A 219 -6.79 -3.42 33.60
N ALA A 220 -5.64 -3.08 34.15
CA ALA A 220 -5.48 -1.87 34.96
C ALA A 220 -5.94 -0.63 34.21
N ALA A 221 -5.49 -0.50 32.96
CA ALA A 221 -5.88 0.62 32.09
C ALA A 221 -7.40 0.81 31.97
N MET A 222 -8.09 -0.30 31.72
CA MET A 222 -9.54 -0.29 31.59
C MET A 222 -10.28 -0.32 32.94
N ARG A 223 -9.53 -0.59 34.02
CA ARG A 223 -10.09 -0.63 35.38
C ARG A 223 -10.12 0.74 36.04
N GLY A 224 -9.38 1.69 35.50
CA GLY A 224 -9.32 3.01 36.10
C GLY A 224 -8.10 3.15 36.97
N ASP A 225 -7.29 2.10 36.97
CA ASP A 225 -6.08 2.03 37.77
C ASP A 225 -4.89 2.69 37.04
N ALA A 226 -4.96 4.00 36.93
CA ALA A 226 -3.96 4.79 36.22
C ALA A 226 -2.57 4.71 36.80
N ALA A 227 -2.48 4.38 38.09
CA ALA A 227 -1.17 4.26 38.75
C ALA A 227 -0.44 3.01 38.28
N ALA A 228 -1.13 1.87 38.38
CA ALA A 228 -0.59 0.58 38.00
C ALA A 228 -0.28 0.49 36.51
N ALA A 229 -1.21 0.92 35.66
CA ALA A 229 -0.97 0.87 34.22
C ALA A 229 0.37 1.49 33.83
N ARG A 230 0.62 2.71 34.30
CA ARG A 230 1.87 3.39 34.00
C ARG A 230 3.07 2.62 34.56
N ALA A 231 2.94 2.16 35.80
CA ALA A 231 4.00 1.40 36.45
C ALA A 231 4.46 0.30 35.52
N ILE A 232 3.54 -0.54 35.07
CA ILE A 232 3.89 -1.59 34.12
C ILE A 232 4.44 -0.98 32.84
N ASN A 233 3.67 -0.07 32.26
CA ASN A 233 4.06 0.55 31.02
C ASN A 233 5.50 1.08 30.97
N ASP A 234 5.86 1.90 31.95
CA ASP A 234 7.22 2.42 32.05
C ASP A 234 8.28 1.33 32.21
N ARG A 235 7.86 0.14 32.62
CA ARG A 235 8.76 -0.99 32.75
C ARG A 235 8.92 -1.61 31.36
N LEU A 236 7.79 -1.65 30.62
CA LEU A 236 7.73 -2.24 29.28
C LEU A 236 8.17 -1.33 28.14
N MET A 237 8.21 -0.04 28.42
CA MET A 237 8.59 0.99 27.45
C MET A 237 9.82 0.65 26.58
N PRO A 238 10.94 0.23 27.20
CA PRO A 238 12.11 -0.08 26.39
C PRO A 238 11.84 -1.20 25.37
N LEU A 239 10.99 -2.16 25.72
CA LEU A 239 10.59 -3.19 24.77
C LEU A 239 9.69 -2.59 23.67
N HIS A 240 8.83 -1.65 24.03
CA HIS A 240 7.99 -0.95 23.05
C HIS A 240 8.82 -0.29 21.96
N LYS A 241 9.90 0.37 22.35
CA LYS A 241 10.75 1.08 21.38
C LYS A 241 11.63 0.13 20.56
N ALA A 242 12.25 -0.84 21.22
CA ALA A 242 13.17 -1.78 20.55
C ALA A 242 12.45 -2.55 19.43
N LEU A 243 11.24 -3.06 19.73
CA LEU A 243 10.44 -3.80 18.77
C LEU A 243 10.10 -3.05 17.49
N PHE A 244 10.54 -1.81 17.38
CA PHE A 244 10.30 -1.01 16.17
C PHE A 244 11.57 -0.37 15.65
N ILE A 245 12.72 -0.86 16.14
CA ILE A 245 14.05 -0.41 15.70
C ILE A 245 14.20 -0.65 14.18
N GLU A 246 13.21 -1.34 13.62
CA GLU A 246 13.14 -1.62 12.19
C GLU A 246 11.69 -1.98 11.94
N SER A 247 11.20 -1.69 10.74
CA SER A 247 9.81 -1.94 10.42
C SER A 247 9.35 -3.26 11.04
N ASN A 248 8.16 -3.19 11.66
CA ASN A 248 7.50 -4.33 12.30
C ASN A 248 6.88 -5.15 11.17
N PRO A 249 6.91 -6.50 11.27
CA PRO A 249 7.46 -7.37 12.34
C PRO A 249 8.89 -7.88 12.24
N ILE A 250 9.77 -7.26 11.44
CA ILE A 250 11.19 -7.71 11.40
C ILE A 250 11.77 -7.94 12.82
N PRO A 251 11.66 -6.93 13.72
CA PRO A 251 12.22 -7.09 15.08
C PRO A 251 11.53 -8.15 15.94
N VAL A 252 10.22 -8.03 16.11
CA VAL A 252 9.48 -8.97 16.94
C VAL A 252 9.73 -10.44 16.61
N LYS A 253 10.07 -10.73 15.35
CA LYS A 253 10.33 -12.12 15.00
C LYS A 253 11.71 -12.58 15.49
N TRP A 254 12.69 -11.67 15.42
CA TRP A 254 14.05 -11.96 15.92
C TRP A 254 13.93 -12.34 17.39
N ALA A 255 13.13 -11.57 18.14
CA ALA A 255 12.93 -11.81 19.55
C ALA A 255 12.26 -13.12 19.73
N LEU A 256 11.22 -13.33 18.94
CA LEU A 256 10.47 -14.56 19.09
C LEU A 256 11.41 -15.72 18.92
N HIS A 257 12.33 -15.57 17.97
CA HIS A 257 13.31 -16.61 17.74
C HIS A 257 14.30 -16.73 18.89
N GLU A 258 14.76 -15.59 19.41
CA GLU A 258 15.69 -15.59 20.53
C GLU A 258 15.07 -16.23 21.77
N MET A 259 13.74 -16.24 21.84
CA MET A 259 13.03 -16.93 22.92
C MET A 259 12.81 -18.41 22.58
N GLY A 260 13.04 -18.78 21.32
CA GLY A 260 12.93 -20.17 20.95
C GLY A 260 11.52 -20.60 20.65
N LEU A 261 10.69 -19.65 20.19
CA LEU A 261 9.30 -19.95 19.84
C LEU A 261 9.02 -20.01 18.33
N ILE A 262 9.91 -19.44 17.51
CA ILE A 262 9.73 -19.51 16.07
C ILE A 262 11.06 -19.68 15.31
N PRO A 263 10.97 -20.27 14.12
CA PRO A 263 12.14 -20.45 13.26
C PRO A 263 12.50 -19.09 12.66
N GLU A 264 13.65 -19.02 11.99
CA GLU A 264 14.10 -17.77 11.40
C GLU A 264 13.50 -17.71 10.00
N GLY A 265 12.23 -17.32 9.92
CA GLY A 265 11.56 -17.19 8.64
C GLY A 265 10.79 -15.90 8.50
N ILE A 266 10.93 -15.28 7.33
CA ILE A 266 10.26 -14.02 7.06
C ILE A 266 10.27 -13.87 5.55
N ARG A 267 9.17 -13.36 4.98
CA ARG A 267 9.08 -13.22 3.52
C ARG A 267 9.47 -11.87 2.93
N LEU A 268 10.16 -11.94 1.79
CA LEU A 268 10.54 -10.77 1.00
C LEU A 268 9.33 -9.92 0.60
N PRO A 269 9.51 -8.58 0.51
CA PRO A 269 10.71 -7.80 0.73
C PRO A 269 11.30 -7.79 2.13
N LEU A 270 10.48 -8.09 3.15
CA LEU A 270 10.98 -8.13 4.51
C LEU A 270 12.32 -8.86 4.64
N THR A 271 13.13 -8.44 5.62
CA THR A 271 14.41 -9.06 5.87
C THR A 271 14.47 -9.42 7.34
N TRP A 272 15.57 -10.04 7.75
CA TRP A 272 15.75 -10.46 9.14
C TRP A 272 16.47 -9.32 9.84
N LEU A 273 16.14 -9.09 11.12
CA LEU A 273 16.69 -7.96 11.85
C LEU A 273 18.15 -7.81 11.51
N SER A 274 18.49 -6.72 10.86
CA SER A 274 19.88 -6.49 10.48
C SER A 274 20.79 -6.52 11.73
N PRO A 275 22.05 -6.95 11.55
CA PRO A 275 23.07 -7.12 12.57
C PRO A 275 23.11 -6.05 13.65
N HIS A 276 23.26 -4.80 13.21
CA HIS A 276 23.40 -3.65 14.11
C HIS A 276 22.36 -3.50 15.22
N CYS A 277 21.17 -4.05 15.03
CA CYS A 277 20.11 -3.86 16.03
C CYS A 277 19.90 -5.03 16.98
N HIS A 278 20.83 -5.98 17.02
CA HIS A 278 20.63 -7.14 17.82
C HIS A 278 20.81 -6.92 19.32
N ASP A 279 21.84 -6.21 19.75
CA ASP A 279 22.03 -5.94 21.18
C ASP A 279 21.06 -4.87 21.72
N PRO A 280 20.74 -3.85 20.97
CA PRO A 280 19.66 -2.99 21.45
C PRO A 280 18.39 -3.78 21.88
N LEU A 281 17.90 -4.68 21.01
CA LEU A 281 16.73 -5.51 21.31
C LEU A 281 16.96 -6.50 22.46
N ARG A 282 18.09 -7.20 22.44
CA ARG A 282 18.41 -8.21 23.48
C ARG A 282 18.49 -7.61 24.90
N GLN A 283 19.07 -6.40 25.02
CA GLN A 283 19.14 -5.71 26.30
C GLN A 283 17.74 -5.32 26.75
N ALA A 284 16.92 -4.89 25.80
CA ALA A 284 15.53 -4.53 26.10
C ALA A 284 14.74 -5.76 26.61
N MET A 285 15.01 -6.91 26.00
CA MET A 285 14.38 -8.16 26.37
C MET A 285 14.92 -8.66 27.71
N ARG A 286 16.22 -8.48 27.93
CA ARG A 286 16.84 -8.91 29.18
C ARG A 286 16.47 -7.97 30.33
N GLN A 287 16.48 -6.68 30.04
CA GLN A 287 16.15 -5.64 31.02
C GLN A 287 14.70 -5.71 31.39
N THR A 288 13.87 -6.23 30.49
CA THR A 288 12.44 -6.33 30.70
C THR A 288 12.11 -7.69 31.30
N GLY A 289 13.06 -8.62 31.24
CA GLY A 289 12.89 -9.95 31.79
C GLY A 289 12.29 -11.03 30.90
N VAL A 290 11.95 -10.69 29.65
CA VAL A 290 11.37 -11.70 28.76
C VAL A 290 12.40 -12.69 28.22
N LEU A 291 13.67 -12.32 28.34
CA LEU A 291 14.76 -13.20 27.96
C LEU A 291 15.62 -13.46 29.18
N ALA A 292 16.85 -13.90 28.96
CA ALA A 292 17.78 -14.13 30.07
C ALA A 292 19.12 -13.39 29.89
N MET B 1 14.42 1.64 -26.92
CA MET B 1 13.22 2.20 -27.58
C MET B 1 12.26 2.88 -26.57
N ILE B 2 12.68 3.03 -25.31
CA ILE B 2 11.77 3.49 -24.23
C ILE B 2 12.12 4.85 -23.57
N ALA B 3 11.54 5.92 -24.08
CA ALA B 3 11.77 7.30 -23.60
C ALA B 3 10.80 8.31 -24.22
N GLY B 4 10.77 9.53 -23.69
CA GLY B 4 9.89 10.58 -24.19
C GLY B 4 8.60 10.71 -23.40
N SER B 5 7.53 11.14 -24.07
CA SER B 5 6.19 11.25 -23.46
C SER B 5 5.62 9.84 -23.34
N MET B 6 5.32 9.43 -22.11
CA MET B 6 4.87 8.06 -21.91
C MET B 6 3.56 8.02 -21.14
N VAL B 7 2.44 8.11 -21.87
CA VAL B 7 1.12 8.21 -21.24
C VAL B 7 0.87 7.11 -20.21
N ALA B 8 0.52 7.53 -18.99
CA ALA B 8 0.19 6.59 -17.91
C ALA B 8 -1.31 6.32 -18.11
N LEU B 9 -1.58 5.41 -19.04
CA LEU B 9 -2.94 5.15 -19.51
C LEU B 9 -3.95 4.59 -18.53
N VAL B 10 -5.11 5.24 -18.57
CA VAL B 10 -6.31 4.87 -17.82
C VAL B 10 -6.89 3.56 -18.37
N THR B 11 -7.56 2.78 -17.51
CA THR B 11 -8.26 1.57 -17.96
C THR B 11 -9.76 1.91 -18.00
N PRO B 12 -10.31 2.05 -19.22
CA PRO B 12 -11.73 2.39 -19.25
C PRO B 12 -12.67 1.27 -18.80
N PHE B 13 -13.70 1.67 -18.04
CA PHE B 13 -14.74 0.80 -17.54
C PHE B 13 -16.10 1.37 -17.94
N ASP B 14 -17.11 0.51 -18.07
CA ASP B 14 -18.45 0.99 -18.34
C ASP B 14 -19.05 1.43 -17.01
N ALA B 15 -20.29 1.92 -17.05
CA ALA B 15 -20.96 2.38 -15.83
C ALA B 15 -21.16 1.30 -14.75
N GLN B 16 -21.11 0.04 -15.15
CA GLN B 16 -21.26 -1.01 -14.16
C GLN B 16 -19.87 -1.43 -13.68
N GLY B 17 -18.85 -0.93 -14.37
CA GLY B 17 -17.47 -1.17 -13.96
C GLY B 17 -16.81 -2.36 -14.60
N ARG B 18 -17.32 -2.77 -15.75
CA ARG B 18 -16.71 -3.86 -16.50
C ARG B 18 -15.72 -3.27 -17.49
N LEU B 19 -14.84 -4.09 -18.03
CA LEU B 19 -13.83 -3.60 -18.98
C LEU B 19 -14.49 -3.14 -20.26
N ASP B 20 -14.08 -1.97 -20.74
CA ASP B 20 -14.61 -1.41 -21.98
C ASP B 20 -13.52 -1.44 -23.04
N TRP B 21 -13.46 -2.55 -23.75
CA TRP B 21 -12.47 -2.75 -24.78
C TRP B 21 -12.58 -1.72 -25.92
N ASP B 22 -13.80 -1.23 -26.16
CA ASP B 22 -14.04 -0.26 -27.21
C ASP B 22 -13.41 1.09 -26.91
N SER B 23 -13.52 1.55 -25.66
CA SER B 23 -12.86 2.79 -25.30
C SER B 23 -11.35 2.64 -25.31
N LEU B 24 -10.86 1.50 -24.84
CA LEU B 24 -9.43 1.24 -24.79
C LEU B 24 -8.85 1.30 -26.20
N ALA B 25 -9.57 0.71 -27.15
CA ALA B 25 -9.16 0.70 -28.56
C ALA B 25 -8.92 2.15 -28.99
N LYS B 26 -9.97 2.97 -28.94
CA LYS B 26 -9.87 4.39 -29.27
C LYS B 26 -8.65 5.07 -28.65
N LEU B 27 -8.51 4.94 -27.33
CA LEU B 27 -7.44 5.58 -26.60
C LEU B 27 -6.14 5.26 -27.24
N VAL B 28 -5.95 3.99 -27.58
CA VAL B 28 -4.70 3.55 -28.16
C VAL B 28 -4.50 4.25 -29.50
N ASP B 29 -5.55 4.30 -30.33
CA ASP B 29 -5.42 5.02 -31.59
C ASP B 29 -5.07 6.49 -31.37
N PHE B 30 -5.66 7.08 -30.33
CA PHE B 30 -5.42 8.46 -29.95
C PHE B 30 -3.96 8.78 -29.64
N HIS B 31 -3.32 7.98 -28.81
CA HIS B 31 -1.92 8.20 -28.47
C HIS B 31 -1.01 7.80 -29.62
N LEU B 32 -1.45 6.77 -30.34
CA LEU B 32 -0.75 6.25 -31.50
C LEU B 32 -0.68 7.32 -32.61
N GLN B 33 -1.78 8.06 -32.75
CA GLN B 33 -1.93 9.06 -33.79
C GLN B 33 -1.49 10.47 -33.41
N ASP B 34 -1.39 10.75 -32.10
CA ASP B 34 -1.01 12.09 -31.65
C ASP B 34 0.41 12.27 -31.11
N GLY B 35 1.30 11.34 -31.43
CA GLY B 35 2.71 11.47 -31.05
C GLY B 35 3.19 10.86 -29.76
N THR B 36 2.32 10.17 -29.03
CA THR B 36 2.76 9.47 -27.81
C THR B 36 3.97 8.58 -28.09
N ASN B 37 4.99 8.72 -27.25
CA ASN B 37 6.20 7.91 -27.39
C ASN B 37 6.02 6.47 -26.95
N ALA B 38 5.41 6.31 -25.77
CA ALA B 38 5.19 4.98 -25.21
C ALA B 38 3.90 4.92 -24.41
N ILE B 39 3.36 3.71 -24.23
CA ILE B 39 2.19 3.52 -23.39
C ILE B 39 2.46 2.60 -22.19
N VAL B 40 2.05 3.06 -21.01
CA VAL B 40 2.11 2.25 -19.81
C VAL B 40 0.67 1.78 -19.52
N ALA B 41 0.46 0.47 -19.57
CA ALA B 41 -0.88 -0.08 -19.34
C ALA B 41 -0.94 -0.79 -18.03
N VAL B 42 -2.06 -0.61 -17.35
CA VAL B 42 -2.31 -1.29 -16.07
C VAL B 42 -1.41 -0.78 -14.91
N GLY B 43 -0.98 0.47 -14.98
CA GLY B 43 -0.16 1.03 -13.91
C GLY B 43 -0.99 1.74 -12.85
N THR B 44 -0.34 2.57 -12.05
CA THR B 44 -1.06 3.39 -11.05
C THR B 44 -2.34 4.04 -11.60
N THR B 45 -2.22 4.83 -12.66
CA THR B 45 -3.38 5.50 -13.25
C THR B 45 -4.37 4.49 -13.86
N GLY B 46 -3.86 3.40 -14.45
CA GLY B 46 -4.73 2.40 -15.02
C GLY B 46 -5.48 1.58 -13.96
N GLU B 47 -5.40 2.04 -12.71
CA GLU B 47 -6.07 1.36 -11.59
C GLU B 47 -5.64 -0.07 -11.44
N SER B 48 -4.36 -0.27 -11.21
CA SER B 48 -3.81 -1.61 -11.08
C SER B 48 -4.36 -2.26 -9.83
N ALA B 49 -4.58 -1.44 -8.82
CA ALA B 49 -5.12 -1.91 -7.53
C ALA B 49 -6.43 -2.70 -7.61
N THR B 50 -7.32 -2.36 -8.56
CA THR B 50 -8.60 -3.06 -8.64
C THR B 50 -8.84 -4.00 -9.85
N LEU B 51 -7.77 -4.59 -10.39
CA LEU B 51 -7.94 -5.49 -11.52
C LEU B 51 -7.65 -6.95 -11.15
N ASP B 52 -8.43 -7.91 -11.67
CA ASP B 52 -8.12 -9.33 -11.44
C ASP B 52 -6.74 -9.59 -12.02
N VAL B 53 -6.26 -10.80 -11.82
CA VAL B 53 -5.02 -11.23 -12.45
C VAL B 53 -5.30 -11.42 -13.93
N GLU B 54 -6.51 -11.90 -14.23
CA GLU B 54 -6.97 -12.18 -15.60
C GLU B 54 -7.25 -10.90 -16.38
N GLU B 55 -7.73 -9.88 -15.68
CA GLU B 55 -7.90 -8.55 -16.29
C GLU B 55 -6.54 -7.93 -16.59
N HIS B 56 -5.60 -8.17 -15.70
CA HIS B 56 -4.25 -7.66 -15.85
C HIS B 56 -3.58 -7.90 -17.21
N ILE B 57 -3.50 -9.16 -17.62
CA ILE B 57 -2.87 -9.52 -18.89
C ILE B 57 -3.79 -9.26 -20.08
N GLN B 58 -5.09 -9.44 -19.89
CA GLN B 58 -6.04 -9.24 -20.99
C GLN B 58 -5.79 -7.83 -21.53
N VAL B 59 -5.87 -6.85 -20.65
CA VAL B 59 -5.65 -5.46 -21.02
C VAL B 59 -4.32 -5.28 -21.74
N VAL B 60 -3.26 -5.83 -21.14
CA VAL B 60 -1.93 -5.75 -21.73
C VAL B 60 -1.91 -6.35 -23.13
N ARG B 61 -2.31 -7.62 -23.23
CA ARG B 61 -2.33 -8.32 -24.50
C ARG B 61 -3.02 -7.48 -25.58
N ARG B 62 -4.19 -6.94 -25.24
CA ARG B 62 -4.93 -6.14 -26.19
C ARG B 62 -4.13 -4.91 -26.66
N VAL B 63 -3.49 -4.21 -25.73
CA VAL B 63 -2.75 -3.01 -26.09
C VAL B 63 -1.61 -3.42 -27.01
N VAL B 64 -0.80 -4.37 -26.55
CA VAL B 64 0.33 -4.88 -27.34
C VAL B 64 -0.13 -5.28 -28.74
N ASP B 65 -1.21 -6.05 -28.82
CA ASP B 65 -1.78 -6.50 -30.09
C ASP B 65 -2.22 -5.41 -31.05
N GLN B 66 -2.66 -4.28 -30.53
CA GLN B 66 -3.07 -3.17 -31.37
C GLN B 66 -1.83 -2.38 -31.79
N VAL B 67 -0.92 -2.18 -30.85
CA VAL B 67 0.28 -1.38 -31.10
C VAL B 67 1.16 -1.99 -32.21
N LYS B 68 1.03 -3.28 -32.44
CA LYS B 68 1.81 -3.95 -33.47
C LYS B 68 3.29 -3.61 -33.38
N GLY B 69 3.75 -3.31 -32.17
CA GLY B 69 5.17 -3.07 -31.92
C GLY B 69 5.76 -1.84 -32.54
N ARG B 70 4.93 -0.88 -32.95
CA ARG B 70 5.46 0.36 -33.47
C ARG B 70 5.87 1.32 -32.33
N ILE B 71 5.35 1.02 -31.14
CA ILE B 71 5.59 1.80 -29.95
C ILE B 71 5.76 0.83 -28.77
N PRO B 72 6.57 1.23 -27.77
CA PRO B 72 6.80 0.36 -26.61
C PRO B 72 5.59 0.32 -25.69
N VAL B 73 5.32 -0.87 -25.16
CA VAL B 73 4.22 -1.06 -24.23
C VAL B 73 4.76 -1.59 -22.89
N ILE B 74 4.60 -0.79 -21.85
CA ILE B 74 5.10 -1.11 -20.51
C ILE B 74 3.95 -1.51 -19.62
N ALA B 75 4.09 -2.64 -18.92
CA ALA B 75 3.05 -3.15 -18.03
C ALA B 75 3.34 -2.93 -16.55
N GLY B 76 2.33 -2.50 -15.78
CA GLY B 76 2.47 -2.34 -14.34
C GLY B 76 2.49 -3.70 -13.66
N THR B 77 3.59 -4.04 -12.98
CA THR B 77 3.65 -5.37 -12.37
C THR B 77 4.02 -5.37 -10.90
N GLY B 78 4.36 -4.21 -10.37
CA GLY B 78 4.75 -4.16 -8.95
C GLY B 78 3.72 -4.65 -7.94
N ALA B 79 4.21 -5.10 -6.79
CA ALA B 79 3.39 -5.69 -5.74
C ALA B 79 4.17 -5.64 -4.44
N ASN B 80 3.48 -5.65 -3.29
CA ASN B 80 4.17 -5.57 -2.01
C ASN B 80 4.69 -6.91 -1.51
N SER B 81 4.54 -7.93 -2.36
CA SER B 81 5.03 -9.30 -2.10
C SER B 81 5.87 -9.72 -3.30
N THR B 82 7.16 -9.94 -3.08
CA THR B 82 8.05 -10.30 -4.20
C THR B 82 7.56 -11.48 -5.05
N ARG B 83 6.88 -12.46 -4.46
CA ARG B 83 6.36 -13.58 -5.26
C ARG B 83 5.27 -13.13 -6.24
N GLU B 84 4.43 -12.22 -5.78
CA GLU B 84 3.37 -11.66 -6.62
C GLU B 84 3.97 -10.82 -7.74
N ALA B 85 4.97 -10.02 -7.41
CA ALA B 85 5.64 -9.17 -8.43
C ALA B 85 6.31 -10.06 -9.49
N VAL B 86 6.84 -11.19 -9.06
CA VAL B 86 7.44 -12.11 -10.01
C VAL B 86 6.33 -12.57 -10.95
N ALA B 87 5.25 -13.09 -10.38
CA ALA B 87 4.11 -13.59 -11.12
C ALA B 87 3.58 -12.57 -12.09
N LEU B 88 3.34 -11.37 -11.59
CA LEU B 88 2.79 -10.30 -12.41
C LEU B 88 3.75 -9.91 -13.53
N THR B 89 5.04 -10.06 -13.26
CA THR B 89 6.06 -9.75 -14.25
C THR B 89 6.17 -10.85 -15.30
N GLU B 90 5.81 -12.06 -14.92
CA GLU B 90 5.83 -13.19 -15.82
C GLU B 90 4.64 -13.12 -16.74
N ALA B 91 3.49 -12.72 -16.20
CA ALA B 91 2.26 -12.55 -16.99
C ALA B 91 2.49 -11.55 -18.11
N ALA B 92 3.03 -10.39 -17.75
CA ALA B 92 3.30 -9.34 -18.71
C ALA B 92 4.26 -9.72 -19.87
N LYS B 93 5.37 -10.37 -19.55
CA LYS B 93 6.33 -10.80 -20.57
C LYS B 93 5.61 -11.74 -21.53
N SER B 94 5.11 -12.82 -20.95
CA SER B 94 4.38 -13.85 -21.69
C SER B 94 3.02 -13.23 -22.00
N GLY B 95 3.06 -12.00 -22.50
CA GLY B 95 1.88 -11.22 -22.83
C GLY B 95 2.31 -10.23 -23.90
N GLY B 96 3.62 -10.16 -24.10
CA GLY B 96 4.18 -9.33 -25.16
C GLY B 96 4.68 -7.98 -24.74
N ALA B 97 4.46 -7.57 -23.49
CA ALA B 97 4.90 -6.24 -23.03
C ALA B 97 6.39 -6.09 -23.33
N ASP B 98 6.81 -4.89 -23.72
CA ASP B 98 8.21 -4.61 -24.01
C ASP B 98 9.02 -4.39 -22.74
N ALA B 99 8.33 -3.97 -21.69
CA ALA B 99 8.99 -3.73 -20.40
C ALA B 99 7.94 -3.74 -19.30
N CYS B 100 8.39 -3.82 -18.06
CA CYS B 100 7.51 -3.76 -16.91
C CYS B 100 7.91 -2.64 -15.96
N LEU B 101 6.90 -2.07 -15.31
CA LEU B 101 7.06 -1.01 -14.32
C LEU B 101 6.79 -1.62 -12.93
N LEU B 102 7.72 -1.43 -11.98
CA LEU B 102 7.58 -2.00 -10.65
C LEU B 102 7.76 -1.00 -9.52
N VAL B 103 6.64 -0.60 -8.93
CA VAL B 103 6.64 0.33 -7.82
C VAL B 103 7.26 -0.36 -6.61
N THR B 104 7.92 0.41 -5.75
CA THR B 104 8.49 -0.15 -4.53
C THR B 104 7.34 -0.75 -3.67
N PRO B 105 7.67 -1.67 -2.76
CA PRO B 105 6.63 -2.25 -1.90
C PRO B 105 5.98 -1.20 -1.00
N TYR B 106 4.65 -1.26 -0.83
CA TYR B 106 3.78 -0.26 -0.19
C TYR B 106 3.29 -0.35 1.29
N TYR B 107 2.87 -1.42 1.87
CA TYR B 107 2.25 -1.06 3.12
C TYR B 107 3.19 -1.55 4.22
N ASN B 108 4.10 -2.36 3.74
CA ASN B 108 4.96 -3.20 4.59
C ASN B 108 6.34 -2.58 4.88
N LYS B 109 6.62 -1.46 4.21
CA LYS B 109 7.84 -0.68 4.46
C LYS B 109 9.11 -1.49 4.59
N PRO B 110 9.62 -2.01 3.46
CA PRO B 110 10.85 -2.82 3.50
C PRO B 110 12.07 -1.96 3.67
N THR B 111 13.08 -2.50 4.35
CA THR B 111 14.39 -1.86 4.53
C THR B 111 15.02 -1.55 3.15
N GLN B 112 16.00 -0.66 3.10
CA GLN B 112 16.72 -0.40 1.85
C GLN B 112 17.29 -1.69 1.30
N GLU B 113 17.86 -2.49 2.19
CA GLU B 113 18.42 -3.78 1.81
C GLU B 113 17.33 -4.69 1.26
N GLY B 114 16.14 -4.64 1.86
CA GLY B 114 15.01 -5.48 1.44
C GLY B 114 14.56 -5.15 0.04
N MET B 115 14.48 -3.86 -0.26
CA MET B 115 14.10 -3.40 -1.60
C MET B 115 15.08 -3.91 -2.66
N TYR B 116 16.38 -3.91 -2.32
CA TYR B 116 17.38 -4.41 -3.25
C TYR B 116 17.17 -5.88 -3.52
N GLN B 117 17.08 -6.68 -2.45
CA GLN B 117 16.83 -8.12 -2.61
C GLN B 117 15.54 -8.35 -3.42
N HIS B 118 14.56 -7.49 -3.20
CA HIS B 118 13.26 -7.54 -3.86
C HIS B 118 13.37 -7.44 -5.37
N PHE B 119 13.91 -6.33 -5.84
CA PHE B 119 14.02 -6.11 -7.27
C PHE B 119 15.11 -6.94 -7.93
N ARG B 120 16.15 -7.26 -7.17
CA ARG B 120 17.23 -8.07 -7.70
C ARG B 120 16.70 -9.46 -8.05
N HIS B 121 15.75 -9.94 -7.25
CA HIS B 121 15.19 -11.27 -7.46
C HIS B 121 14.28 -11.38 -8.69
N ILE B 122 13.51 -10.31 -8.94
CA ILE B 122 12.57 -10.25 -10.06
C ILE B 122 13.35 -10.08 -11.36
N ALA B 123 14.39 -9.24 -11.30
CA ALA B 123 15.25 -9.03 -12.45
C ALA B 123 15.90 -10.38 -12.82
N GLU B 124 16.17 -11.21 -11.81
CA GLU B 124 16.74 -12.54 -12.03
C GLU B 124 15.69 -13.52 -12.53
N ALA B 125 14.51 -13.49 -11.92
CA ALA B 125 13.44 -14.44 -12.24
C ALA B 125 12.72 -14.25 -13.58
N VAL B 126 12.68 -13.04 -14.09
CA VAL B 126 12.00 -12.81 -15.35
C VAL B 126 12.90 -12.04 -16.32
N ALA B 127 13.04 -12.57 -17.53
CA ALA B 127 13.89 -11.99 -18.57
C ALA B 127 13.12 -10.93 -19.38
N ILE B 128 13.06 -9.71 -18.84
CA ILE B 128 12.33 -8.60 -19.47
C ILE B 128 12.72 -7.32 -18.74
N PRO B 129 12.81 -6.19 -19.45
CA PRO B 129 13.25 -4.95 -18.83
C PRO B 129 12.41 -4.62 -17.65
N GLN B 130 13.08 -4.15 -16.60
CA GLN B 130 12.39 -3.77 -15.37
C GLN B 130 12.71 -2.31 -15.08
N ILE B 131 11.69 -1.51 -14.85
CA ILE B 131 11.87 -0.12 -14.49
C ILE B 131 11.40 -0.01 -13.08
N LEU B 132 12.15 0.72 -12.24
CA LEU B 132 11.78 0.86 -10.83
C LEU B 132 10.79 2.02 -10.74
N TYR B 133 10.19 2.20 -9.57
CA TYR B 133 9.22 3.28 -9.39
C TYR B 133 9.19 3.65 -7.90
N ASN B 134 9.60 4.88 -7.60
CA ASN B 134 9.64 5.39 -6.23
C ASN B 134 8.62 6.54 -6.08
N VAL B 135 7.65 6.39 -5.17
CA VAL B 135 6.66 7.45 -4.91
C VAL B 135 6.09 7.31 -3.48
N PRO B 136 6.83 7.80 -2.46
CA PRO B 136 6.53 7.72 -1.03
C PRO B 136 5.14 8.26 -0.65
N GLY B 137 4.68 9.29 -1.35
CA GLY B 137 3.36 9.81 -1.09
C GLY B 137 2.27 8.75 -1.16
N ARG B 138 2.60 7.58 -1.69
CA ARG B 138 1.63 6.50 -1.80
C ARG B 138 2.11 5.26 -1.07
N THR B 139 3.38 4.90 -1.28
CA THR B 139 3.96 3.69 -0.71
C THR B 139 4.40 3.76 0.75
N SER B 140 4.31 4.94 1.37
CA SER B 140 4.79 5.09 2.75
C SER B 140 6.23 4.60 2.97
N CYS B 141 7.05 4.72 1.93
CA CYS B 141 8.44 4.31 2.05
C CYS B 141 9.18 5.02 0.92
N ASP B 142 10.49 5.03 0.96
CA ASP B 142 11.26 5.75 -0.05
C ASP B 142 12.59 5.06 -0.32
N MET B 143 12.83 4.76 -1.59
CA MET B 143 14.07 4.08 -2.00
C MET B 143 15.14 5.10 -2.27
N LEU B 144 16.13 5.15 -1.39
CA LEU B 144 17.21 6.13 -1.47
C LEU B 144 18.11 5.97 -2.70
N PRO B 145 18.73 7.09 -3.14
CA PRO B 145 19.62 7.10 -4.29
C PRO B 145 20.69 5.99 -4.23
N GLU B 146 21.22 5.75 -3.03
CA GLU B 146 22.23 4.70 -2.84
C GLU B 146 21.70 3.35 -3.30
N THR B 147 20.45 3.06 -2.96
CA THR B 147 19.83 1.80 -3.37
C THR B 147 19.46 1.73 -4.86
N VAL B 148 19.27 2.90 -5.49
CA VAL B 148 18.99 2.95 -6.90
C VAL B 148 20.29 2.56 -7.62
N GLU B 149 21.38 3.15 -7.16
CA GLU B 149 22.69 2.85 -7.75
C GLU B 149 23.05 1.34 -7.71
N ARG B 150 22.71 0.65 -6.63
CA ARG B 150 22.99 -0.79 -6.54
C ARG B 150 22.16 -1.55 -7.59
N LEU B 151 20.85 -1.30 -7.62
CA LEU B 151 19.97 -1.96 -8.58
C LEU B 151 20.26 -1.56 -10.03
N SER B 152 20.94 -0.44 -10.21
CA SER B 152 21.27 0.00 -11.55
C SER B 152 22.31 -0.90 -12.21
N LYS B 153 23.11 -1.58 -11.41
CA LYS B 153 24.16 -2.42 -11.98
C LYS B 153 23.61 -3.80 -12.39
N VAL B 154 22.35 -4.02 -12.07
CA VAL B 154 21.67 -5.27 -12.39
C VAL B 154 21.35 -5.25 -13.90
N PRO B 155 21.66 -6.35 -14.58
CA PRO B 155 21.55 -6.50 -16.03
C PRO B 155 20.29 -5.95 -16.73
N ASN B 156 19.10 -6.34 -16.27
CA ASN B 156 17.91 -5.86 -16.95
C ASN B 156 16.99 -4.94 -16.14
N ILE B 157 17.61 -4.08 -15.33
CA ILE B 157 16.93 -3.03 -14.60
C ILE B 157 17.30 -1.78 -15.41
N ILE B 158 16.44 -1.39 -16.35
CA ILE B 158 16.77 -0.33 -17.32
C ILE B 158 16.57 1.14 -16.91
N GLY B 159 15.85 1.39 -15.82
CA GLY B 159 15.64 2.77 -15.38
C GLY B 159 14.78 2.90 -14.13
N ILE B 160 14.45 4.14 -13.77
CA ILE B 160 13.62 4.37 -12.59
C ILE B 160 12.61 5.51 -12.79
N LYS B 161 11.40 5.32 -12.28
CA LYS B 161 10.38 6.36 -12.35
C LYS B 161 10.46 7.13 -11.04
N GLU B 162 11.10 8.28 -11.06
CA GLU B 162 11.22 9.06 -9.84
C GLU B 162 9.98 9.95 -9.72
N ALA B 163 9.15 9.70 -8.70
CA ALA B 163 7.88 10.42 -8.56
C ALA B 163 7.79 11.34 -7.34
N THR B 164 8.90 11.54 -6.63
CA THR B 164 8.87 12.43 -5.48
C THR B 164 8.58 13.88 -5.86
N GLY B 165 8.95 14.26 -7.09
CA GLY B 165 8.78 15.64 -7.51
C GLY B 165 9.94 16.47 -7.00
N ASP B 166 10.86 15.80 -6.30
CA ASP B 166 12.04 16.44 -5.73
C ASP B 166 13.19 16.38 -6.74
N LEU B 167 13.55 17.56 -7.26
CA LEU B 167 14.56 17.69 -8.32
C LEU B 167 15.99 17.49 -7.86
N GLN B 168 16.25 17.87 -6.62
CA GLN B 168 17.55 17.65 -6.01
C GLN B 168 17.77 16.14 -6.00
N ARG B 169 16.69 15.39 -5.81
CA ARG B 169 16.75 13.94 -5.83
C ARG B 169 17.14 13.42 -7.22
N ALA B 170 16.39 13.81 -8.24
CA ALA B 170 16.68 13.35 -9.60
C ALA B 170 18.13 13.60 -9.97
N LYS B 171 18.64 14.79 -9.61
CA LYS B 171 20.00 15.17 -9.90
C LYS B 171 20.93 14.13 -9.27
N GLU B 172 20.68 13.80 -8.01
CA GLU B 172 21.45 12.80 -7.27
C GLU B 172 21.53 11.43 -7.93
N VAL B 173 20.41 10.95 -8.47
CA VAL B 173 20.34 9.63 -9.09
C VAL B 173 20.98 9.62 -10.49
N ILE B 174 20.76 10.69 -11.25
CA ILE B 174 21.31 10.80 -12.58
C ILE B 174 22.82 10.85 -12.38
N GLU B 175 23.22 11.69 -11.44
CA GLU B 175 24.62 11.90 -11.10
C GLU B 175 25.33 10.62 -10.60
N ARG B 176 24.59 9.62 -10.13
CA ARG B 176 25.20 8.35 -9.63
C ARG B 176 25.18 7.15 -10.58
N VAL B 177 24.30 7.17 -11.56
CA VAL B 177 24.10 6.02 -12.44
C VAL B 177 24.74 6.16 -13.81
N GLY B 178 25.08 5.01 -14.41
CA GLY B 178 25.61 4.99 -15.78
C GLY B 178 24.64 5.69 -16.73
N LYS B 179 25.31 6.19 -17.90
CA LYS B 179 24.53 6.83 -18.94
C LYS B 179 23.54 5.91 -19.61
N ASP B 180 23.47 4.67 -19.17
CA ASP B 180 22.54 3.70 -19.73
C ASP B 180 21.33 3.41 -18.87
N PHE B 181 21.36 3.98 -17.69
CA PHE B 181 20.22 3.85 -16.78
C PHE B 181 19.37 5.10 -16.99
N LEU B 182 18.06 4.93 -17.30
CA LEU B 182 17.33 6.14 -17.58
C LEU B 182 16.38 6.61 -16.49
N VAL B 183 16.37 7.90 -16.23
CA VAL B 183 15.52 8.46 -15.19
C VAL B 183 14.31 9.13 -15.83
N TYR B 184 13.12 8.75 -15.37
CA TYR B 184 11.89 9.27 -15.93
C TYR B 184 11.20 10.06 -14.86
N SER B 185 10.42 11.05 -15.24
CA SER B 185 9.69 11.81 -14.25
C SER B 185 8.41 11.11 -13.89
N GLY B 186 7.95 11.30 -12.65
CA GLY B 186 6.68 10.76 -12.17
C GLY B 186 5.81 11.90 -11.66
N ASP B 187 6.31 13.12 -11.85
CA ASP B 187 5.63 14.34 -11.46
C ASP B 187 5.51 15.24 -12.69
N ASP B 188 4.29 15.35 -13.21
CA ASP B 188 4.03 16.14 -14.40
C ASP B 188 4.43 17.57 -14.28
N ALA B 189 4.17 18.19 -13.14
CA ALA B 189 4.54 19.59 -12.94
C ALA B 189 6.01 19.90 -13.17
N THR B 190 6.90 19.05 -12.64
CA THR B 190 8.34 19.24 -12.75
C THR B 190 9.09 18.38 -13.78
N ALA B 191 8.36 17.58 -14.57
CA ALA B 191 8.97 16.72 -15.59
C ALA B 191 9.98 17.43 -16.51
N VAL B 192 9.61 18.61 -17.01
CA VAL B 192 10.50 19.37 -17.89
C VAL B 192 11.87 19.58 -17.25
N GLU B 193 11.86 19.86 -15.95
CA GLU B 193 13.06 20.12 -15.21
C GLU B 193 13.94 18.86 -15.10
N LEU B 194 13.30 17.72 -14.81
CA LEU B 194 14.01 16.47 -14.60
C LEU B 194 14.75 16.07 -15.86
N MET B 195 14.10 16.23 -17.00
CA MET B 195 14.71 15.88 -18.29
C MET B 195 15.88 16.79 -18.61
N LEU B 196 15.68 18.10 -18.41
CA LEU B 196 16.77 19.07 -18.61
C LEU B 196 18.01 18.64 -17.85
N LEU B 197 17.79 18.21 -16.60
CA LEU B 197 18.85 17.70 -15.74
C LEU B 197 19.54 16.48 -16.31
N GLY B 198 18.89 15.80 -17.23
CA GLY B 198 19.49 14.61 -17.83
C GLY B 198 18.54 13.44 -17.88
N GLY B 199 17.29 13.70 -17.53
CA GLY B 199 16.27 12.66 -17.52
C GLY B 199 15.89 12.28 -18.94
N LYS B 200 15.20 11.17 -19.08
CA LYS B 200 14.83 10.70 -20.40
C LYS B 200 13.35 10.45 -20.62
N GLY B 201 12.48 11.21 -19.96
CA GLY B 201 11.05 11.02 -20.15
C GLY B 201 10.09 11.24 -18.97
N ASN B 202 8.80 11.28 -19.30
CA ASN B 202 7.76 11.49 -18.31
C ASN B 202 6.71 10.41 -18.48
N ILE B 203 6.47 9.65 -17.40
CA ILE B 203 5.37 8.68 -17.40
C ILE B 203 4.22 9.60 -17.02
N SER B 204 3.75 10.36 -18.00
CA SER B 204 2.79 11.40 -17.76
C SER B 204 1.33 10.97 -17.53
N VAL B 205 0.61 11.79 -16.75
CA VAL B 205 -0.83 11.64 -16.53
C VAL B 205 -1.50 12.68 -17.43
N THR B 206 -0.83 13.83 -17.56
CA THR B 206 -1.32 14.90 -18.40
C THR B 206 -1.43 14.41 -19.82
N ALA B 207 -0.41 13.67 -20.25
CA ALA B 207 -0.38 13.11 -21.57
C ALA B 207 -1.68 12.36 -21.93
N ASN B 208 -2.47 12.01 -20.92
CA ASN B 208 -3.74 11.31 -21.17
C ASN B 208 -4.72 12.18 -21.94
N VAL B 209 -4.72 13.46 -21.65
CA VAL B 209 -5.61 14.39 -22.32
C VAL B 209 -4.94 15.38 -23.31
N ALA B 210 -3.61 15.50 -23.24
CA ALA B 210 -2.86 16.36 -24.16
C ALA B 210 -1.61 15.63 -24.69
N PRO B 211 -1.79 14.52 -25.44
CA PRO B 211 -0.69 13.71 -25.94
C PRO B 211 0.26 14.47 -26.87
N ARG B 212 -0.26 15.03 -27.95
CA ARG B 212 0.57 15.76 -28.92
C ARG B 212 1.45 16.79 -28.24
N ALA B 213 0.86 17.60 -27.37
CA ALA B 213 1.60 18.65 -26.64
C ALA B 213 2.64 18.08 -25.68
N MET B 214 2.29 16.97 -25.03
CA MET B 214 3.23 16.32 -24.12
C MET B 214 4.49 15.82 -24.81
N SER B 215 4.36 15.18 -25.96
CA SER B 215 5.55 14.67 -26.65
C SER B 215 6.34 15.82 -27.27
N ASP B 216 5.67 16.93 -27.60
CA ASP B 216 6.38 18.13 -28.08
C ASP B 216 7.29 18.63 -26.96
N LEU B 217 6.69 18.74 -25.77
CA LEU B 217 7.40 19.19 -24.59
C LEU B 217 8.58 18.30 -24.20
N CYS B 218 8.44 16.99 -24.31
CA CYS B 218 9.50 16.08 -23.84
C CYS B 218 10.62 16.10 -24.82
N ALA B 219 10.26 16.20 -26.10
CA ALA B 219 11.22 16.28 -27.19
C ALA B 219 12.15 17.51 -26.99
N ALA B 220 11.54 18.69 -26.86
CA ALA B 220 12.30 19.90 -26.58
C ALA B 220 13.23 19.69 -25.38
N ALA B 221 12.65 19.26 -24.26
CA ALA B 221 13.38 19.10 -23.01
C ALA B 221 14.55 18.14 -23.10
N MET B 222 14.42 17.11 -23.94
CA MET B 222 15.49 16.12 -24.08
C MET B 222 16.50 16.57 -25.12
N ARG B 223 16.08 17.55 -25.93
CA ARG B 223 16.98 18.18 -26.89
C ARG B 223 17.98 19.04 -26.11
N GLY B 224 17.44 19.93 -25.28
CA GLY B 224 18.25 20.87 -24.53
C GLY B 224 17.58 22.22 -24.65
N ASP B 225 16.49 22.24 -25.40
CA ASP B 225 15.73 23.43 -25.72
C ASP B 225 14.93 23.91 -24.49
N ALA B 226 15.65 24.39 -23.50
CA ALA B 226 15.08 24.81 -22.23
C ALA B 226 13.95 25.82 -22.36
N ALA B 227 14.25 26.96 -22.96
CA ALA B 227 13.25 28.01 -23.16
C ALA B 227 11.92 27.48 -23.67
N ALA B 228 11.95 26.56 -24.63
CA ALA B 228 10.72 26.09 -25.27
C ALA B 228 9.93 25.08 -24.43
N ALA B 229 10.64 24.21 -23.72
CA ALA B 229 10.02 23.22 -22.86
C ALA B 229 9.25 23.85 -21.70
N ARG B 230 9.85 24.88 -21.10
CA ARG B 230 9.25 25.58 -19.98
C ARG B 230 8.13 26.52 -20.38
N ALA B 231 8.08 26.89 -21.65
CA ALA B 231 7.01 27.73 -22.16
C ALA B 231 5.75 26.90 -22.36
N ILE B 232 5.93 25.70 -22.91
CA ILE B 232 4.83 24.78 -23.16
C ILE B 232 4.32 24.28 -21.81
N ASN B 233 5.21 24.30 -20.84
CA ASN B 233 4.89 23.81 -19.52
C ASN B 233 4.02 24.77 -18.70
N ASP B 234 4.37 26.06 -18.71
CA ASP B 234 3.59 27.03 -17.94
C ASP B 234 2.21 27.19 -18.53
N ARG B 235 2.10 26.82 -19.81
CA ARG B 235 0.83 26.91 -20.53
C ARG B 235 -0.04 25.75 -20.05
N LEU B 236 0.59 24.60 -19.85
CA LEU B 236 -0.11 23.40 -19.39
C LEU B 236 -0.29 23.38 -17.89
N MET B 237 0.51 24.17 -17.19
CA MET B 237 0.54 24.16 -15.72
C MET B 237 -0.84 24.02 -15.02
N PRO B 238 -1.82 24.85 -15.41
CA PRO B 238 -3.12 24.72 -14.75
C PRO B 238 -3.78 23.36 -14.97
N LEU B 239 -3.44 22.67 -16.07
CA LEU B 239 -3.95 21.34 -16.30
C LEU B 239 -3.24 20.36 -15.40
N HIS B 240 -1.92 20.53 -15.25
CA HIS B 240 -1.15 19.66 -14.35
C HIS B 240 -1.78 19.70 -12.96
N LYS B 241 -2.22 20.89 -12.57
CA LYS B 241 -2.83 21.05 -11.27
C LYS B 241 -4.24 20.43 -11.19
N ALA B 242 -5.12 20.81 -12.10
CA ALA B 242 -6.49 20.28 -12.12
C ALA B 242 -6.52 18.72 -12.09
N LEU B 243 -5.66 18.09 -12.89
CA LEU B 243 -5.58 16.61 -12.96
C LEU B 243 -5.27 15.94 -11.61
N PHE B 244 -5.08 16.74 -10.57
CA PHE B 244 -4.77 16.20 -9.24
C PHE B 244 -5.60 16.80 -8.14
N ILE B 245 -6.65 17.50 -8.54
CA ILE B 245 -7.64 18.12 -7.65
C ILE B 245 -8.13 17.08 -6.61
N GLU B 246 -8.15 15.82 -7.04
CA GLU B 246 -8.42 14.69 -6.17
C GLU B 246 -7.45 13.59 -6.59
N SER B 247 -7.30 12.55 -5.79
CA SER B 247 -6.35 11.52 -6.10
C SER B 247 -6.49 11.03 -7.54
N ASN B 248 -5.37 10.99 -8.27
CA ASN B 248 -5.30 10.38 -9.60
C ASN B 248 -5.65 8.91 -9.42
N PRO B 249 -6.37 8.30 -10.39
CA PRO B 249 -6.86 8.88 -11.65
C PRO B 249 -8.29 9.38 -11.64
N ILE B 250 -8.84 9.74 -10.46
CA ILE B 250 -10.21 10.28 -10.42
C ILE B 250 -10.37 11.47 -11.37
N PRO B 251 -9.58 12.53 -11.14
CA PRO B 251 -9.77 13.72 -11.99
C PRO B 251 -9.58 13.43 -13.49
N VAL B 252 -8.53 12.71 -13.87
CA VAL B 252 -8.28 12.40 -15.28
C VAL B 252 -9.38 11.65 -16.03
N LYS B 253 -9.95 10.61 -15.41
CA LYS B 253 -11.02 9.87 -16.07
C LYS B 253 -12.18 10.80 -16.43
N TRP B 254 -12.43 11.76 -15.54
CA TRP B 254 -13.50 12.73 -15.73
C TRP B 254 -13.27 13.46 -17.06
N ALA B 255 -12.07 14.02 -17.20
CA ALA B 255 -11.68 14.76 -18.37
C ALA B 255 -11.88 13.86 -19.54
N LEU B 256 -11.33 12.65 -19.41
CA LEU B 256 -11.37 11.67 -20.47
C LEU B 256 -12.81 11.42 -20.91
N HIS B 257 -13.71 11.37 -19.94
CA HIS B 257 -15.12 11.19 -20.24
C HIS B 257 -15.72 12.46 -20.88
N GLU B 258 -15.32 13.62 -20.39
CA GLU B 258 -15.83 14.87 -20.93
C GLU B 258 -15.43 15.05 -22.40
N MET B 259 -14.32 14.42 -22.78
CA MET B 259 -13.82 14.49 -24.14
C MET B 259 -14.52 13.44 -25.01
N GLY B 260 -15.35 12.61 -24.41
CA GLY B 260 -16.04 11.57 -25.14
C GLY B 260 -15.19 10.37 -25.49
N LEU B 261 -14.09 10.17 -24.77
CA LEU B 261 -13.18 9.05 -25.07
C LEU B 261 -13.42 7.81 -24.21
N ILE B 262 -13.95 7.98 -22.98
CA ILE B 262 -14.24 6.82 -22.13
C ILE B 262 -15.56 6.97 -21.35
N PRO B 263 -16.14 5.85 -20.89
CA PRO B 263 -17.38 5.90 -20.12
C PRO B 263 -17.08 6.37 -18.71
N GLU B 264 -18.05 6.60 -17.81
CA GLU B 264 -18.02 7.01 -16.42
C GLU B 264 -17.88 5.82 -15.49
N GLY B 265 -16.79 5.05 -15.57
CA GLY B 265 -16.63 3.87 -14.73
C GLY B 265 -15.32 3.89 -13.96
N ILE B 266 -15.40 3.66 -12.66
CA ILE B 266 -14.25 3.74 -11.77
C ILE B 266 -14.52 2.74 -10.68
N ARG B 267 -13.48 2.03 -10.21
CA ARG B 267 -13.65 0.99 -9.19
C ARG B 267 -13.35 1.42 -7.76
N LEU B 268 -14.27 1.07 -6.87
CA LEU B 268 -14.08 1.37 -5.45
C LEU B 268 -12.77 0.73 -5.00
N PRO B 269 -12.09 1.35 -3.99
CA PRO B 269 -12.50 2.53 -3.23
C PRO B 269 -12.49 3.87 -3.96
N LEU B 270 -12.28 3.85 -5.27
CA LEU B 270 -12.28 5.09 -6.05
C LEU B 270 -13.69 5.64 -6.26
N THR B 271 -13.81 6.98 -6.31
CA THR B 271 -15.07 7.61 -6.55
C THR B 271 -14.94 8.46 -7.81
N TRP B 272 -16.05 8.99 -8.31
CA TRP B 272 -16.04 9.85 -9.49
C TRP B 272 -15.74 11.24 -8.98
N LEU B 273 -15.17 12.09 -9.84
CA LEU B 273 -14.73 13.41 -9.42
C LEU B 273 -15.90 13.98 -8.63
N SER B 274 -15.65 14.40 -7.40
CA SER B 274 -16.74 14.97 -6.58
C SER B 274 -17.16 16.32 -7.21
N PRO B 275 -18.47 16.63 -7.13
CA PRO B 275 -19.12 17.78 -7.73
C PRO B 275 -18.33 19.09 -7.71
N HIS B 276 -17.74 19.47 -6.57
CA HIS B 276 -17.07 20.77 -6.49
C HIS B 276 -15.97 21.00 -7.52
N CYS B 277 -15.37 19.93 -7.98
CA CYS B 277 -14.23 20.05 -8.89
C CYS B 277 -14.56 20.03 -10.38
N HIS B 278 -15.85 19.95 -10.71
CA HIS B 278 -16.21 19.83 -12.13
C HIS B 278 -15.83 21.06 -12.96
N ASP B 279 -16.23 22.23 -12.48
CA ASP B 279 -15.90 23.41 -13.21
C ASP B 279 -14.44 23.86 -13.15
N PRO B 280 -13.71 23.72 -12.07
CA PRO B 280 -12.25 23.93 -12.12
C PRO B 280 -11.51 23.10 -13.22
N LEU B 281 -11.82 21.81 -13.30
CA LEU B 281 -11.23 20.95 -14.32
C LEU B 281 -11.75 21.26 -15.74
N ARG B 282 -13.03 21.58 -15.89
CA ARG B 282 -13.55 21.89 -17.23
C ARG B 282 -12.90 23.15 -17.78
N GLN B 283 -12.64 24.11 -16.89
CA GLN B 283 -11.98 25.37 -17.26
C GLN B 283 -10.54 25.11 -17.65
N ALA B 284 -9.78 24.49 -16.76
CA ALA B 284 -8.38 24.15 -17.04
C ALA B 284 -8.26 23.41 -18.36
N MET B 285 -9.22 22.52 -18.63
CA MET B 285 -9.25 21.82 -19.90
C MET B 285 -9.47 22.83 -21.04
N ARG B 286 -10.50 23.65 -20.90
CA ARG B 286 -10.86 24.60 -21.95
C ARG B 286 -9.82 25.71 -22.05
N GLN B 287 -9.29 26.13 -20.91
CA GLN B 287 -8.24 27.16 -20.81
C GLN B 287 -6.98 26.73 -21.54
N THR B 288 -6.86 25.42 -21.79
CA THR B 288 -5.66 24.84 -22.40
C THR B 288 -5.94 24.30 -23.81
N GLY B 289 -7.21 24.25 -24.19
CA GLY B 289 -7.54 23.85 -25.54
C GLY B 289 -7.76 22.36 -25.79
N VAL B 290 -7.73 21.55 -24.75
CA VAL B 290 -8.03 20.13 -24.94
C VAL B 290 -9.52 20.04 -25.24
N LEU B 291 -10.29 20.84 -24.50
CA LEU B 291 -11.73 20.97 -24.70
C LEU B 291 -11.91 22.26 -25.45
N ALA B 292 -13.09 22.47 -26.00
CA ALA B 292 -13.38 23.73 -26.66
C ALA B 292 -14.57 24.43 -25.98
#